data_4O1K
#
_entry.id   4O1K
#
_cell.length_a   83.200
_cell.length_b   94.110
_cell.length_c   96.990
_cell.angle_alpha   90.000
_cell.angle_beta   90.000
_cell.angle_gamma   90.000
#
_symmetry.space_group_name_H-M   'F 2 2 2'
#
loop_
_entity.id
_entity.type
_entity.pdbx_description
1 polymer 'Carbonic anhydrase'
2 non-polymer 'ZINC ION'
3 water water
#
_entity_poly.entity_id   1
_entity_poly.type   'polypeptide(L)'
_entity_poly.pdbx_seq_one_letter_code
;MEKDRKKQDITMYLQETHDKVFENNKSWATEQVAKDPDFFKKLAAGQNPEYLWIGCSDSRIPAEQITGLQPGDAFVHRNI
ANLVCNTDLNVMSVIEYAVKHLKVKHIVVCGHYGCGGVKAAMTPKDLGLMNPWLRNIRDVYRLHEKELDAIADEEARYER
LVELNVYEQCRNVVKTAALQQSYAENGFPVIHGWVFNFRDGLLKDLNVDFETILKDIQKIYNLTALEHHHHHH
;
_entity_poly.pdbx_strand_id   A
#
loop_
_chem_comp.id
_chem_comp.type
_chem_comp.name
_chem_comp.formula
ZN non-polymer 'ZINC ION' 'Zn 2'
#
# COMPACT_ATOMS: atom_id res chain seq x y z
N LEU A 14 -28.68 -0.09 20.43
CA LEU A 14 -27.82 0.89 19.79
C LEU A 14 -28.24 1.05 18.33
N GLN A 15 -29.52 0.80 18.07
CA GLN A 15 -30.12 0.85 16.74
C GLN A 15 -29.94 2.18 15.96
N GLU A 16 -29.81 3.29 16.68
CA GLU A 16 -29.72 4.62 16.04
C GLU A 16 -28.37 4.93 15.36
N THR A 17 -27.27 4.48 15.97
CA THR A 17 -25.89 4.78 15.54
C THR A 17 -25.62 4.76 14.02
N HIS A 18 -26.28 3.85 13.31
CA HIS A 18 -26.05 3.70 11.88
C HIS A 18 -26.87 4.68 11.02
N ASP A 19 -28.15 4.88 11.39
CA ASP A 19 -29.01 5.87 10.73
C ASP A 19 -28.38 7.26 10.82
N LYS A 20 -27.47 7.42 11.78
CA LYS A 20 -26.68 8.64 11.92
C LYS A 20 -25.66 8.82 10.79
N VAL A 21 -25.11 7.70 10.31
CA VAL A 21 -24.15 7.73 9.21
C VAL A 21 -24.76 8.40 7.96
N PHE A 22 -26.07 8.25 7.77
CA PHE A 22 -26.71 8.85 6.61
C PHE A 22 -26.88 10.36 6.74
N GLU A 23 -27.13 10.83 7.96
CA GLU A 23 -27.24 12.25 8.21
C GLU A 23 -25.85 12.91 8.04
N ASN A 24 -24.80 12.25 8.52
CA ASN A 24 -23.45 12.78 8.37
C ASN A 24 -23.00 12.79 6.90
N ASN A 25 -23.52 11.84 6.11
CA ASN A 25 -23.28 11.82 4.67
C ASN A 25 -23.91 13.00 3.94
N LYS A 26 -25.17 13.30 4.23
CA LYS A 26 -25.85 14.46 3.64
C LYS A 26 -25.15 15.77 4.03
N SER A 27 -24.75 15.87 5.29
CA SER A 27 -24.01 17.01 5.80
C SER A 27 -22.69 17.20 5.05
N TRP A 28 -21.98 16.10 4.81
CA TRP A 28 -20.72 16.16 4.08
C TRP A 28 -20.94 16.58 2.63
N ALA A 29 -21.95 16.01 1.98
CA ALA A 29 -22.32 16.41 0.62
C ALA A 29 -22.66 17.90 0.50
N THR A 30 -23.39 18.41 1.47
CA THR A 30 -23.88 19.80 1.43
C THR A 30 -22.73 20.79 1.56
N GLU A 31 -21.85 20.55 2.53
CA GLU A 31 -20.69 21.40 2.77
C GLU A 31 -19.69 21.34 1.61
N GLN A 32 -19.60 20.18 0.97
CA GLN A 32 -18.67 20.02 -0.15
C GLN A 32 -19.14 20.84 -1.35
N VAL A 33 -20.46 20.95 -1.52
CA VAL A 33 -21.07 21.85 -2.51
C VAL A 33 -20.88 23.29 -2.05
N ALA A 34 -21.03 23.51 -0.75
CA ALA A 34 -20.73 24.81 -0.16
C ALA A 34 -19.27 25.19 -0.41
N LYS A 35 -18.35 24.24 -0.18
CA LYS A 35 -16.92 24.50 -0.41
C LYS A 35 -16.60 24.68 -1.90
N ASP A 36 -17.33 23.96 -2.76
CA ASP A 36 -17.14 24.02 -4.21
C ASP A 36 -18.40 23.50 -4.93
N PRO A 37 -19.02 24.33 -5.78
CA PRO A 37 -20.26 24.00 -6.48
C PRO A 37 -20.12 22.90 -7.55
N ASP A 38 -18.94 22.80 -8.18
CA ASP A 38 -18.68 21.78 -9.21
C ASP A 38 -18.03 20.52 -8.63
N PHE A 39 -18.04 20.39 -7.31
CA PHE A 39 -17.36 19.28 -6.65
C PHE A 39 -17.83 17.94 -7.19
N PHE A 40 -19.14 17.78 -7.33
CA PHE A 40 -19.70 16.52 -7.81
C PHE A 40 -19.78 16.48 -9.32
N LYS A 41 -19.58 17.63 -9.95
CA LYS A 41 -19.45 17.71 -11.39
C LYS A 41 -18.04 17.26 -11.79
N LYS A 42 -17.03 17.74 -11.06
CA LYS A 42 -15.66 17.29 -11.24
C LYS A 42 -15.54 15.78 -11.03
N LEU A 43 -16.07 15.31 -9.91
CA LEU A 43 -16.10 13.89 -9.55
C LEU A 43 -16.59 12.97 -10.66
N ALA A 44 -17.53 13.47 -11.46
CA ALA A 44 -18.24 12.64 -12.44
C ALA A 44 -17.46 12.34 -13.71
N ALA A 45 -16.76 13.34 -14.24
CA ALA A 45 -15.93 13.16 -15.44
C ALA A 45 -14.59 12.55 -15.06
N GLY A 46 -14.41 11.27 -15.37
CA GLY A 46 -13.29 10.51 -14.86
C GLY A 46 -12.00 10.51 -15.66
N GLN A 47 -11.01 11.22 -15.13
CA GLN A 47 -9.63 11.06 -15.60
C GLN A 47 -9.03 9.91 -14.82
N ASN A 48 -8.26 9.06 -15.49
CA ASN A 48 -7.71 7.86 -14.84
C ASN A 48 -6.83 8.27 -13.66
N PRO A 49 -6.79 7.44 -12.61
CA PRO A 49 -5.86 7.71 -11.51
C PRO A 49 -4.42 7.71 -12.00
N GLU A 50 -3.59 8.57 -11.40
CA GLU A 50 -2.16 8.59 -11.67
C GLU A 50 -1.44 7.60 -10.78
N TYR A 51 -2.09 7.20 -9.68
CA TYR A 51 -1.48 6.33 -8.66
C TYR A 51 -2.27 5.07 -8.43
N LEU A 52 -1.55 3.96 -8.23
CA LEU A 52 -2.05 2.79 -7.52
C LEU A 52 -1.46 2.84 -6.10
N TRP A 53 -2.32 2.81 -5.09
CA TRP A 53 -1.87 2.90 -3.70
C TRP A 53 -2.20 1.58 -3.06
N ILE A 54 -1.19 0.92 -2.51
CA ILE A 54 -1.39 -0.34 -1.77
C ILE A 54 -1.09 -0.05 -0.31
N GLY A 55 -2.12 -0.02 0.52
CA GLY A 55 -1.93 0.37 1.91
C GLY A 55 -2.54 -0.63 2.87
N CYS A 56 -2.48 -0.33 4.17
CA CYS A 56 -2.96 -1.32 5.15
C CYS A 56 -4.39 -1.04 5.63
N SER A 57 -5.14 -2.12 5.87
CA SER A 57 -6.52 -2.00 6.33
C SER A 57 -6.63 -1.33 7.71
N ASP A 58 -5.58 -1.43 8.51
CA ASP A 58 -5.64 -0.91 9.88
C ASP A 58 -4.93 0.40 10.06
N SER A 59 -4.51 1.01 8.95
CA SER A 59 -4.04 2.39 8.98
C SER A 59 -5.29 3.24 9.16
N ARG A 60 -5.15 4.45 9.71
CA ARG A 60 -6.34 5.17 10.20
C ARG A 60 -6.77 6.37 9.36
N ILE A 61 -5.85 6.89 8.56
CA ILE A 61 -6.14 8.05 7.72
C ILE A 61 -6.05 7.56 6.28
N PRO A 62 -7.02 7.95 5.44
CA PRO A 62 -7.04 7.62 4.01
C PRO A 62 -5.86 8.25 3.27
N ALA A 63 -5.35 7.56 2.26
CA ALA A 63 -4.23 8.04 1.44
C ALA A 63 -4.46 9.45 0.91
N GLU A 64 -5.70 9.70 0.53
CA GLU A 64 -6.11 10.95 -0.10
C GLU A 64 -5.90 12.11 0.86
N GLN A 65 -6.12 11.83 2.15
CA GLN A 65 -5.85 12.81 3.20
C GLN A 65 -4.34 13.02 3.42
N ILE A 66 -3.64 11.93 3.72
CA ILE A 66 -2.20 11.93 3.97
C ILE A 66 -1.40 12.65 2.88
N THR A 67 -1.85 12.52 1.64
CA THR A 67 -1.02 12.94 0.51
C THR A 67 -1.47 14.22 -0.16
N GLY A 68 -2.71 14.61 0.10
CA GLY A 68 -3.30 15.80 -0.51
C GLY A 68 -3.76 15.53 -1.95
N LEU A 69 -3.82 14.25 -2.31
CA LEU A 69 -4.26 13.86 -3.64
C LEU A 69 -5.74 14.11 -3.86
N GLN A 70 -6.11 14.42 -5.09
CA GLN A 70 -7.51 14.71 -5.41
C GLN A 70 -8.32 13.44 -5.60
N PRO A 71 -9.63 13.50 -5.35
CA PRO A 71 -10.46 12.29 -5.50
C PRO A 71 -10.37 11.75 -6.93
N GLY A 72 -10.12 10.46 -7.05
CA GLY A 72 -9.99 9.84 -8.34
C GLY A 72 -8.54 9.78 -8.79
N ASP A 73 -7.65 10.43 -8.04
CA ASP A 73 -6.24 10.44 -8.40
C ASP A 73 -5.59 9.15 -7.97
N ALA A 74 -6.19 8.51 -6.96
CA ALA A 74 -5.64 7.25 -6.43
C ALA A 74 -6.63 6.12 -6.58
N PHE A 75 -6.11 5.04 -7.11
CA PHE A 75 -6.82 3.78 -7.15
C PHE A 75 -6.27 3.05 -5.95
N VAL A 76 -7.13 2.56 -5.05
CA VAL A 76 -6.63 2.12 -3.73
C VAL A 76 -6.95 0.65 -3.43
N HIS A 77 -5.92 -0.09 -3.05
CA HIS A 77 -6.11 -1.43 -2.48
C HIS A 77 -5.64 -1.36 -1.04
N ARG A 78 -6.43 -1.89 -0.11
CA ARG A 78 -5.96 -1.95 1.28
C ARG A 78 -6.18 -3.33 1.82
N ASN A 79 -5.14 -3.90 2.43
CA ASN A 79 -5.27 -5.25 3.00
C ASN A 79 -4.48 -5.32 4.30
N ILE A 80 -4.54 -6.42 5.02
CA ILE A 80 -3.83 -6.46 6.31
C ILE A 80 -2.32 -6.47 6.06
N ALA A 81 -1.66 -5.41 6.54
CA ALA A 81 -0.22 -5.20 6.45
C ALA A 81 0.31 -4.93 5.04
N ASN A 82 -0.57 -4.44 4.17
CA ASN A 82 -0.17 -3.94 2.86
C ASN A 82 0.72 -4.93 2.10
N LEU A 83 0.26 -6.18 2.02
CA LEU A 83 1.01 -7.25 1.37
C LEU A 83 0.75 -7.38 -0.13
N VAL A 84 1.80 -7.75 -0.87
CA VAL A 84 1.66 -8.07 -2.29
C VAL A 84 2.11 -9.53 -2.43
N CYS A 85 1.14 -10.45 -2.38
CA CYS A 85 1.43 -11.91 -2.36
C CYS A 85 1.26 -12.47 -3.76
N ASN A 86 2.21 -13.28 -4.23
CA ASN A 86 2.10 -13.72 -5.62
C ASN A 86 0.93 -14.66 -5.94
N THR A 87 0.36 -15.34 -4.95
CA THR A 87 -0.81 -16.14 -5.29
C THR A 87 -2.13 -15.53 -4.85
N ASP A 88 -2.07 -14.23 -4.53
CA ASP A 88 -3.26 -13.47 -4.16
C ASP A 88 -3.80 -12.77 -5.40
N LEU A 89 -4.84 -13.35 -6.00
CA LEU A 89 -5.43 -12.79 -7.23
C LEU A 89 -6.04 -11.42 -7.02
N ASN A 90 -6.46 -11.16 -5.78
CA ASN A 90 -7.05 -9.88 -5.44
C ASN A 90 -6.04 -8.76 -5.84
N VAL A 91 -4.89 -8.76 -5.17
CA VAL A 91 -3.88 -7.73 -5.43
C VAL A 91 -3.22 -7.87 -6.79
N MET A 92 -2.99 -9.10 -7.23
CA MET A 92 -2.33 -9.28 -8.52
C MET A 92 -3.16 -8.71 -9.65
N SER A 93 -4.46 -8.96 -9.56
CA SER A 93 -5.36 -8.46 -10.59
C SER A 93 -5.48 -6.95 -10.47
N VAL A 94 -5.44 -6.42 -9.26
CA VAL A 94 -5.43 -4.96 -9.23
C VAL A 94 -4.13 -4.27 -9.77
N ILE A 95 -2.96 -4.88 -9.56
CA ILE A 95 -1.72 -4.36 -10.14
C ILE A 95 -1.80 -4.45 -11.66
N GLU A 96 -2.21 -5.61 -12.14
CA GLU A 96 -2.35 -5.80 -13.58
C GLU A 96 -3.27 -4.75 -14.20
N TYR A 97 -4.42 -4.54 -13.56
CA TYR A 97 -5.43 -3.61 -14.05
C TYR A 97 -5.00 -2.15 -14.00
N ALA A 98 -4.30 -1.79 -12.93
CA ALA A 98 -3.82 -0.42 -12.75
C ALA A 98 -2.72 -0.10 -13.75
N VAL A 99 -1.82 -1.05 -13.98
CA VAL A 99 -0.69 -0.78 -14.87
C VAL A 99 -1.11 -0.84 -16.32
N LYS A 100 -1.83 -1.89 -16.68
CA LYS A 100 -2.10 -2.13 -18.09
C LYS A 100 -3.30 -1.37 -18.64
N HIS A 101 -4.35 -1.23 -17.83
CA HIS A 101 -5.58 -0.63 -18.32
C HIS A 101 -5.82 0.79 -17.81
N LEU A 102 -5.37 1.10 -16.60
CA LEU A 102 -5.46 2.49 -16.12
C LEU A 102 -4.22 3.32 -16.45
N LYS A 103 -3.10 2.66 -16.73
CA LYS A 103 -1.85 3.35 -17.10
C LYS A 103 -1.41 4.31 -16.00
N VAL A 104 -1.48 3.80 -14.77
CA VAL A 104 -1.03 4.46 -13.58
C VAL A 104 0.46 4.86 -13.75
N LYS A 105 0.85 6.04 -13.28
CA LYS A 105 2.25 6.48 -13.40
C LYS A 105 3.09 6.10 -12.18
N HIS A 106 2.41 5.83 -11.07
CA HIS A 106 3.08 5.55 -9.81
C HIS A 106 2.40 4.36 -9.12
N ILE A 107 3.20 3.52 -8.48
CA ILE A 107 2.62 2.51 -7.56
C ILE A 107 3.31 2.75 -6.23
N VAL A 108 2.55 2.95 -5.16
CA VAL A 108 3.11 3.22 -3.84
C VAL A 108 2.69 2.07 -2.96
N VAL A 109 3.63 1.48 -2.22
CA VAL A 109 3.26 0.59 -1.11
C VAL A 109 3.51 1.43 0.12
N CYS A 110 2.46 1.64 0.91
CA CYS A 110 2.60 2.47 2.10
C CYS A 110 2.36 1.64 3.34
N GLY A 111 3.38 1.49 4.17
CA GLY A 111 3.16 0.82 5.43
C GLY A 111 2.91 1.88 6.49
N HIS A 112 2.78 1.47 7.74
CA HIS A 112 2.59 2.46 8.80
C HIS A 112 3.10 1.93 10.11
N TYR A 113 3.71 2.80 10.91
CA TYR A 113 4.23 2.35 12.20
C TYR A 113 3.07 2.05 13.12
N GLY A 114 3.26 1.09 14.01
CA GLY A 114 2.18 0.71 14.89
C GLY A 114 1.24 -0.30 14.24
N CYS A 115 1.58 -0.74 13.04
CA CYS A 115 0.73 -1.68 12.30
C CYS A 115 0.31 -2.90 13.09
N GLY A 116 -1.00 -3.05 13.26
CA GLY A 116 -1.54 -4.17 14.01
C GLY A 116 -1.27 -5.52 13.37
N GLY A 117 -1.27 -5.56 12.04
CA GLY A 117 -1.07 -6.81 11.33
C GLY A 117 0.34 -7.35 11.49
N VAL A 118 1.33 -6.48 11.34
CA VAL A 118 2.74 -6.81 11.62
C VAL A 118 2.92 -7.30 13.07
N LYS A 119 2.41 -6.51 14.02
CA LYS A 119 2.49 -6.95 15.42
C LYS A 119 1.84 -8.32 15.66
N ALA A 120 0.67 -8.56 15.07
CA ALA A 120 -0.03 -9.83 15.22
C ALA A 120 0.70 -10.99 14.55
N ALA A 121 1.39 -10.68 13.44
CA ALA A 121 2.23 -11.66 12.75
C ALA A 121 3.29 -12.11 13.71
N MET A 122 3.80 -11.16 14.49
CA MET A 122 4.87 -11.50 15.41
C MET A 122 4.45 -12.18 16.73
N THR A 123 3.14 -12.44 16.89
CA THR A 123 2.66 -13.13 18.09
C THR A 123 2.50 -14.62 17.79
N PRO A 124 3.19 -15.49 18.55
CA PRO A 124 3.16 -16.93 18.25
C PRO A 124 1.87 -17.59 18.70
N LYS A 125 0.78 -17.33 18.01
CA LYS A 125 -0.50 -17.95 18.35
C LYS A 125 -1.29 -18.42 17.14
N ASP A 126 -2.28 -19.26 17.41
CA ASP A 126 -3.15 -19.79 16.38
C ASP A 126 -4.25 -18.76 16.09
N LEU A 127 -4.17 -18.12 14.92
CA LEU A 127 -5.14 -17.10 14.53
C LEU A 127 -6.03 -17.57 13.38
N GLY A 128 -6.15 -18.89 13.24
CA GLY A 128 -7.02 -19.49 12.23
C GLY A 128 -6.68 -19.09 10.81
N LEU A 129 -7.68 -18.59 10.09
CA LEU A 129 -7.54 -18.08 8.72
C LEU A 129 -6.45 -17.05 8.56
N MET A 130 -6.21 -16.27 9.59
CA MET A 130 -5.17 -15.26 9.51
C MET A 130 -3.77 -15.88 9.40
N ASN A 131 -3.60 -17.14 9.84
CA ASN A 131 -2.25 -17.67 9.93
C ASN A 131 -1.50 -17.62 8.60
N PRO A 132 -2.09 -18.17 7.51
CA PRO A 132 -1.26 -18.14 6.31
C PRO A 132 -1.09 -16.72 5.77
N TRP A 133 -2.02 -15.81 6.07
CA TRP A 133 -1.80 -14.42 5.64
C TRP A 133 -0.62 -13.78 6.38
N LEU A 134 -0.63 -13.84 7.71
CA LEU A 134 0.46 -13.28 8.50
C LEU A 134 1.78 -13.99 8.30
N ARG A 135 1.71 -15.23 7.82
CA ARG A 135 2.95 -15.96 7.55
C ARG A 135 3.84 -15.17 6.61
N ASN A 136 3.25 -14.43 5.69
CA ASN A 136 4.07 -13.64 4.75
C ASN A 136 4.97 -12.66 5.43
N ILE A 137 4.49 -12.15 6.56
CA ILE A 137 5.22 -11.15 7.28
C ILE A 137 6.35 -11.84 8.03
N ARG A 138 6.04 -13.02 8.57
CA ARG A 138 7.07 -13.78 9.22
C ARG A 138 8.16 -14.15 8.20
N ASP A 139 7.77 -14.36 6.95
CA ASP A 139 8.74 -14.64 5.90
C ASP A 139 9.65 -13.44 5.68
N VAL A 140 9.06 -12.23 5.70
CA VAL A 140 9.91 -11.02 5.62
C VAL A 140 10.94 -10.99 6.74
N TYR A 141 10.49 -11.25 7.98
CA TYR A 141 11.44 -11.32 9.12
C TYR A 141 12.59 -12.26 8.84
N ARG A 142 12.28 -13.48 8.41
CA ARG A 142 13.31 -14.47 8.18
C ARG A 142 14.29 -14.03 7.09
N LEU A 143 13.82 -13.24 6.12
CA LEU A 143 14.67 -12.76 5.04
C LEU A 143 15.72 -11.76 5.53
N HIS A 144 15.49 -11.22 6.72
CA HIS A 144 16.36 -10.18 7.27
C HIS A 144 16.65 -10.52 8.72
N GLU A 145 16.70 -11.81 9.00
CA GLU A 145 16.72 -12.28 10.38
C GLU A 145 17.92 -11.75 11.16
N LYS A 146 19.08 -11.75 10.50
CA LYS A 146 20.33 -11.30 11.10
C LYS A 146 20.24 -9.84 11.52
N GLU A 147 19.75 -8.99 10.61
CA GLU A 147 19.65 -7.55 10.89
C GLU A 147 18.63 -7.30 11.99
N LEU A 148 17.49 -7.98 11.91
CA LEU A 148 16.40 -7.74 12.85
C LEU A 148 16.75 -8.21 14.27
N ASP A 149 17.27 -9.43 14.39
CA ASP A 149 17.65 -9.98 15.68
C ASP A 149 18.70 -9.13 16.37
N ALA A 150 19.54 -8.45 15.59
CA ALA A 150 20.60 -7.61 16.16
C ALA A 150 20.05 -6.40 16.92
N ILE A 151 18.90 -5.90 16.48
CA ILE A 151 18.22 -4.78 17.12
C ILE A 151 17.67 -5.18 18.49
N ALA A 152 18.29 -4.65 19.55
CA ALA A 152 17.90 -5.00 20.92
C ALA A 152 16.48 -4.59 21.28
N ASP A 153 16.15 -3.31 21.11
CA ASP A 153 14.83 -2.82 21.48
C ASP A 153 13.77 -3.43 20.59
N GLU A 154 12.70 -3.89 21.22
CA GLU A 154 11.60 -4.56 20.55
C GLU A 154 10.82 -3.63 19.62
N GLU A 155 10.49 -2.44 20.12
CA GLU A 155 9.72 -1.51 19.30
C GLU A 155 10.52 -1.08 18.08
N ALA A 156 11.80 -0.76 18.30
CA ALA A 156 12.72 -0.43 17.21
C ALA A 156 12.77 -1.56 16.16
N ARG A 157 12.85 -2.80 16.66
CA ARG A 157 12.80 -3.97 15.79
C ARG A 157 11.50 -4.04 14.98
N TYR A 158 10.40 -3.71 15.64
N TYR A 158 10.35 -3.78 15.60
CA TYR A 158 9.07 -3.77 15.04
CA TYR A 158 9.08 -3.85 14.85
C TYR A 158 8.94 -2.71 13.93
C TYR A 158 8.97 -2.71 13.84
N GLU A 159 9.47 -1.52 14.19
CA GLU A 159 9.43 -0.43 13.20
C GLU A 159 10.31 -0.80 12.00
N ARG A 160 11.44 -1.43 12.30
CA ARG A 160 12.34 -1.85 11.22
C ARG A 160 11.63 -2.89 10.38
N LEU A 161 10.93 -3.82 11.02
CA LEU A 161 10.15 -4.84 10.30
C LEU A 161 9.07 -4.21 9.41
N VAL A 162 8.43 -3.17 9.90
CA VAL A 162 7.41 -2.47 9.12
C VAL A 162 8.07 -1.96 7.85
N GLU A 163 9.26 -1.38 8.03
CA GLU A 163 10.01 -0.79 6.90
C GLU A 163 10.45 -1.87 5.87
N LEU A 164 11.09 -2.90 6.38
CA LEU A 164 11.50 -4.01 5.51
C LEU A 164 10.34 -4.67 4.79
N ASN A 165 9.19 -4.74 5.45
CA ASN A 165 7.99 -5.28 4.80
C ASN A 165 7.64 -4.39 3.64
N VAL A 166 7.59 -3.09 3.86
CA VAL A 166 7.32 -2.21 2.70
C VAL A 166 8.31 -2.50 1.56
N TYR A 167 9.62 -2.55 1.87
CA TYR A 167 10.64 -2.83 0.83
C TYR A 167 10.38 -4.16 0.09
N GLU A 168 10.12 -5.24 0.84
CA GLU A 168 9.86 -6.56 0.24
C GLU A 168 8.60 -6.57 -0.61
N GLN A 169 7.54 -5.86 -0.17
CA GLN A 169 6.31 -5.82 -0.98
C GLN A 169 6.53 -5.01 -2.25
N CYS A 170 7.37 -3.97 -2.15
CA CYS A 170 7.80 -3.28 -3.37
C CYS A 170 8.55 -4.23 -4.35
N ARG A 171 9.50 -5.01 -3.82
CA ARG A 171 10.16 -6.01 -4.64
C ARG A 171 9.11 -6.91 -5.31
N ASN A 172 8.11 -7.37 -4.56
CA ASN A 172 7.06 -8.23 -5.17
C ASN A 172 6.25 -7.54 -6.26
N VAL A 173 6.06 -6.21 -6.14
CA VAL A 173 5.40 -5.49 -7.24
C VAL A 173 6.31 -5.51 -8.48
N VAL A 174 7.61 -5.34 -8.26
CA VAL A 174 8.54 -5.32 -9.41
C VAL A 174 8.64 -6.64 -10.20
N LYS A 175 8.37 -7.74 -9.52
CA LYS A 175 8.39 -9.06 -10.17
C LYS A 175 7.30 -9.23 -11.19
N THR A 176 6.22 -8.44 -11.08
CA THR A 176 5.09 -8.62 -11.98
C THR A 176 5.45 -8.32 -13.42
N ALA A 177 4.91 -9.14 -14.34
CA ALA A 177 5.16 -8.97 -15.77
C ALA A 177 4.64 -7.63 -16.25
N ALA A 178 3.49 -7.21 -15.73
CA ALA A 178 2.85 -5.96 -16.13
C ALA A 178 3.82 -4.81 -15.89
N LEU A 179 4.30 -4.74 -14.65
CA LEU A 179 5.23 -3.67 -14.25
C LEU A 179 6.46 -3.64 -15.14
N GLN A 180 7.10 -4.79 -15.33
N GLN A 180 7.09 -4.80 -15.33
CA GLN A 180 8.34 -4.83 -16.11
CA GLN A 180 8.32 -4.85 -16.11
C GLN A 180 8.14 -4.44 -17.57
C GLN A 180 8.13 -4.44 -17.56
N GLN A 181 7.09 -4.98 -18.18
CA GLN A 181 6.77 -4.65 -19.57
C GLN A 181 6.52 -3.15 -19.73
N SER A 182 5.62 -2.62 -18.91
CA SER A 182 5.32 -1.18 -18.97
C SER A 182 6.57 -0.35 -18.75
N TYR A 183 7.38 -0.71 -17.77
CA TYR A 183 8.57 0.09 -17.48
C TYR A 183 9.57 0.06 -18.63
N ALA A 184 9.78 -1.10 -19.21
CA ALA A 184 10.64 -1.24 -20.39
C ALA A 184 10.17 -0.32 -21.51
N GLU A 185 8.88 -0.39 -21.81
CA GLU A 185 8.28 0.31 -22.95
C GLU A 185 8.11 1.81 -22.73
N ASN A 186 7.79 2.19 -21.49
CA ASN A 186 7.25 3.51 -21.21
C ASN A 186 8.06 4.30 -20.18
N GLY A 187 8.82 3.61 -19.34
CA GLY A 187 9.53 4.27 -18.26
C GLY A 187 8.65 4.54 -17.06
N PHE A 188 7.41 4.06 -17.13
CA PHE A 188 6.48 4.13 -15.99
C PHE A 188 5.72 2.81 -15.90
N PRO A 189 5.10 2.50 -14.73
CA PRO A 189 5.09 3.25 -13.46
C PRO A 189 6.40 3.13 -12.71
N VAL A 190 6.65 4.10 -11.84
CA VAL A 190 7.74 3.93 -10.91
C VAL A 190 7.14 3.56 -9.56
N ILE A 191 7.94 2.88 -8.78
CA ILE A 191 7.49 2.30 -7.53
C ILE A 191 8.06 3.02 -6.33
N HIS A 192 7.21 3.27 -5.34
CA HIS A 192 7.65 3.95 -4.12
C HIS A 192 7.30 3.12 -2.90
N GLY A 193 8.16 3.19 -1.88
CA GLY A 193 7.90 2.54 -0.62
C GLY A 193 7.89 3.62 0.44
N TRP A 194 6.75 3.85 1.07
CA TRP A 194 6.63 4.93 2.04
C TRP A 194 6.09 4.36 3.33
N VAL A 195 6.23 5.11 4.42
CA VAL A 195 5.71 4.65 5.70
C VAL A 195 5.09 5.85 6.39
N PHE A 196 3.85 5.71 6.85
CA PHE A 196 3.14 6.77 7.56
C PHE A 196 3.34 6.60 9.05
N ASN A 197 3.38 7.73 9.75
CA ASN A 197 3.68 7.74 11.17
C ASN A 197 2.52 8.48 11.85
N PHE A 198 1.69 7.73 12.56
CA PHE A 198 0.48 8.26 13.19
C PHE A 198 0.81 9.24 14.31
N ARG A 199 2.07 9.25 14.75
CA ARG A 199 2.50 10.08 15.87
C ARG A 199 2.68 11.55 15.50
N ASP A 200 3.10 11.80 14.26
CA ASP A 200 3.36 13.18 13.80
C ASP A 200 2.67 13.47 12.48
N GLY A 201 2.04 12.45 11.91
CA GLY A 201 1.27 12.59 10.69
C GLY A 201 2.10 12.68 9.42
N LEU A 202 3.39 12.37 9.54
CA LEU A 202 4.30 12.59 8.41
C LEU A 202 4.50 11.33 7.59
N LEU A 203 4.59 11.50 6.27
CA LEU A 203 4.92 10.40 5.38
C LEU A 203 6.41 10.40 5.27
N LYS A 204 7.01 9.21 5.25
CA LYS A 204 8.45 9.12 5.10
C LYS A 204 8.73 8.26 3.88
N ASP A 205 9.71 8.67 3.09
CA ASP A 205 10.12 7.91 1.92
C ASP A 205 11.25 6.96 2.34
N LEU A 206 11.09 5.67 2.07
CA LEU A 206 12.12 4.68 2.37
C LEU A 206 13.16 4.69 1.26
N ASN A 207 12.92 5.52 0.24
CA ASN A 207 13.87 5.69 -0.85
C ASN A 207 14.25 4.34 -1.44
N VAL A 208 13.21 3.58 -1.78
CA VAL A 208 13.36 2.26 -2.38
C VAL A 208 14.11 2.38 -3.70
N ASP A 209 15.26 1.70 -3.81
CA ASP A 209 16.09 1.83 -5.01
C ASP A 209 15.48 0.99 -6.12
N PHE A 210 14.57 1.60 -6.89
CA PHE A 210 13.70 0.89 -7.81
C PHE A 210 14.46 0.21 -8.95
N GLU A 211 15.41 0.93 -9.54
CA GLU A 211 16.19 0.41 -10.66
C GLU A 211 17.01 -0.83 -10.31
N THR A 212 17.65 -0.83 -9.14
CA THR A 212 18.49 -1.97 -8.72
C THR A 212 17.67 -3.20 -8.35
N ILE A 213 16.48 -2.98 -7.79
CA ILE A 213 15.61 -4.11 -7.47
C ILE A 213 15.27 -4.82 -8.77
N LEU A 214 14.91 -4.02 -9.76
CA LEU A 214 14.54 -4.53 -11.08
C LEU A 214 15.70 -5.32 -11.70
N LYS A 215 16.92 -4.79 -11.57
CA LYS A 215 18.09 -5.47 -12.14
C LYS A 215 18.34 -6.84 -11.48
N ASP A 216 18.18 -6.90 -10.15
CA ASP A 216 18.37 -8.14 -9.39
C ASP A 216 17.35 -9.21 -9.79
N ILE A 217 16.09 -8.80 -9.91
CA ILE A 217 15.03 -9.68 -10.34
C ILE A 217 15.25 -10.14 -11.78
N GLN A 218 15.86 -9.29 -12.61
CA GLN A 218 16.03 -9.62 -14.02
C GLN A 218 17.08 -10.69 -14.32
N LYS A 219 17.90 -11.04 -13.33
CA LYS A 219 18.94 -12.04 -13.52
C LYS A 219 18.42 -13.39 -14.05
N ILE A 220 17.19 -13.73 -13.69
CA ILE A 220 16.54 -14.93 -14.20
C ILE A 220 15.18 -14.65 -14.86
N TYR A 221 14.69 -13.42 -14.75
CA TYR A 221 13.44 -13.07 -15.39
C TYR A 221 13.50 -11.76 -16.20
N ASN A 222 14.34 -11.75 -17.24
CA ASN A 222 14.47 -10.59 -18.13
C ASN A 222 13.56 -10.72 -19.36
N LEU A 223 12.50 -9.92 -19.38
CA LEU A 223 11.50 -9.99 -20.44
C LEU A 223 11.70 -8.86 -21.44
N THR A 224 10.96 -8.94 -22.55
CA THR A 224 10.83 -7.81 -23.47
C THR A 224 9.36 -7.40 -23.53
ZN ZN B . -1.40 -1.97 9.48
#